data_1C9K
#
_entry.id   1C9K
#
_cell.length_a   58.380
_cell.length_b   87.770
_cell.length_c   101.640
_cell.angle_alpha   90.00
_cell.angle_beta   90.00
_cell.angle_gamma   90.00
#
_symmetry.space_group_name_H-M   'P 21 21 21'
#
loop_
_entity.id
_entity.type
_entity.pdbx_description
1 polymer 'ADENOSYLCOBINAMIDE KINASE'
2 non-polymer 'PHOSPHATE ION'
3 non-polymer "GUANOSINE-5'-MONOPHOSPHATE"
4 non-polymer 'MAGNESIUM ION'
5 non-polymer 'PYROPHOSPHATE 2-'
6 water water
#
_entity_poly.entity_id   1
_entity_poly.type   'polypeptide(L)'
_entity_poly.pdbx_seq_one_letter_code
;MILVTGGARSGKSRHAEALIGDAPQVLYIATSQILDDEMAARIQHHKDGRPAHWRTAECWRHLDTLITADLAPDDAILLE
CITTMVTNLLFALGGENDPEQWDYAAMERAIDDEIQILIAACQRCPAKVVLVTNEVGMGIVPENRLARHFRDIAGRVNQR
LAAAADEVWLVVSGIGVKIK
;
_entity_poly.pdbx_strand_id   A,B,C
#
loop_
_chem_comp.id
_chem_comp.type
_chem_comp.name
_chem_comp.formula
5GP non-polymer GUANOSINE-5'-MONOPHOSPHATE 'C10 H14 N5 O8 P'
MG non-polymer 'MAGNESIUM ION' 'Mg 2'
PO4 non-polymer 'PHOSPHATE ION' 'O4 P -3'
POP non-polymer 'PYROPHOSPHATE 2-' 'H2 O7 P2 -2'
#
# COMPACT_ATOMS: atom_id res chain seq x y z
N MET A 1 3.04 18.29 15.59
CA MET A 1 2.53 18.13 14.23
C MET A 1 1.97 16.77 13.98
N ILE A 2 1.21 16.76 12.89
CA ILE A 2 0.47 15.65 12.37
C ILE A 2 0.78 15.38 10.90
N LEU A 3 1.10 14.12 10.72
CA LEU A 3 1.39 13.57 9.44
C LEU A 3 0.19 12.70 9.02
N VAL A 4 -0.31 12.93 7.80
CA VAL A 4 -1.44 12.19 7.26
C VAL A 4 -1.00 11.62 5.94
N THR A 5 -1.03 10.31 5.87
CA THR A 5 -0.59 9.64 4.67
C THR A 5 -1.67 8.71 4.13
N GLY A 6 -1.45 8.27 2.92
CA GLY A 6 -2.36 7.37 2.27
C GLY A 6 -2.07 7.46 0.81
N GLY A 7 -2.85 6.71 0.05
CA GLY A 7 -2.68 6.71 -1.39
C GLY A 7 -3.49 7.80 -2.08
N ALA A 8 -3.31 7.82 -3.39
CA ALA A 8 -3.95 8.75 -4.28
C ALA A 8 -5.45 8.60 -4.23
N ARG A 9 -6.08 9.66 -3.80
CA ARG A 9 -7.51 9.66 -3.73
C ARG A 9 -8.09 8.70 -2.72
N SER A 10 -7.42 8.72 -1.58
CA SER A 10 -7.72 7.95 -0.37
C SER A 10 -8.57 8.72 0.66
N GLY A 11 -8.91 10.02 0.39
CA GLY A 11 -9.70 10.88 1.27
C GLY A 11 -8.79 11.41 2.38
N LYS A 12 -7.48 11.52 2.11
CA LYS A 12 -6.57 12.00 3.15
C LYS A 12 -6.66 13.49 3.37
N SER A 13 -6.91 14.18 2.27
CA SER A 13 -7.06 15.61 2.26
C SER A 13 -8.25 15.99 3.12
N ARG A 14 -9.38 15.32 2.87
CA ARG A 14 -10.59 15.61 3.62
C ARG A 14 -10.34 15.36 5.08
N HIS A 15 -9.64 14.28 5.32
CA HIS A 15 -9.33 13.97 6.69
C HIS A 15 -8.50 15.10 7.32
N ALA A 16 -7.56 15.53 6.53
CA ALA A 16 -6.67 16.58 6.96
C ALA A 16 -7.42 17.84 7.32
N GLU A 17 -8.22 18.31 6.35
CA GLU A 17 -9.01 19.50 6.53
C GLU A 17 -9.84 19.36 7.75
N ALA A 18 -10.15 18.09 8.06
CA ALA A 18 -10.94 17.78 9.22
C ALA A 18 -10.19 17.96 10.52
N LEU A 19 -8.88 17.72 10.48
CA LEU A 19 -8.12 17.90 11.70
C LEU A 19 -8.02 19.40 11.95
N ILE A 20 -7.93 20.16 10.86
CA ILE A 20 -7.86 21.61 10.94
C ILE A 20 -9.03 22.18 11.76
N GLY A 21 -10.26 21.81 11.38
CA GLY A 21 -11.45 22.28 12.06
C GLY A 21 -11.79 23.75 11.79
N ASP A 22 -12.35 24.42 12.81
CA ASP A 22 -12.79 25.82 12.77
C ASP A 22 -11.69 26.81 13.13
N ALA A 23 -10.52 26.41 12.69
CA ALA A 23 -9.31 27.13 12.88
C ALA A 23 -9.54 28.40 12.17
N PRO A 24 -9.72 29.36 13.05
CA PRO A 24 -9.97 30.74 12.77
C PRO A 24 -9.10 31.22 11.62
N GLN A 25 -7.78 31.08 11.80
CA GLN A 25 -6.80 31.49 10.80
C GLN A 25 -5.96 30.31 10.36
N VAL A 26 -5.97 30.07 9.06
CA VAL A 26 -5.27 28.94 8.50
C VAL A 26 -4.40 29.25 7.31
N LEU A 27 -3.19 28.71 7.32
CA LEU A 27 -2.37 28.92 6.14
C LEU A 27 -2.25 27.61 5.41
N TYR A 28 -2.56 27.68 4.12
CA TYR A 28 -2.53 26.57 3.19
C TYR A 28 -1.31 26.67 2.28
N ILE A 29 -0.39 25.75 2.52
CA ILE A 29 0.86 25.66 1.77
C ILE A 29 0.78 24.63 0.65
N ALA A 30 0.55 25.11 -0.59
CA ALA A 30 0.44 24.35 -1.82
C ALA A 30 1.77 24.22 -2.51
N THR A 31 2.32 23.03 -2.45
CA THR A 31 3.61 22.74 -3.04
C THR A 31 3.51 22.43 -4.49
N SER A 32 2.30 22.27 -5.02
CA SER A 32 2.22 21.95 -6.41
C SER A 32 2.56 23.05 -7.38
N GLN A 33 3.46 22.68 -8.29
CA GLN A 33 3.95 23.51 -9.35
C GLN A 33 2.88 23.49 -10.43
N ILE A 34 2.43 24.66 -10.89
CA ILE A 34 1.40 24.68 -11.92
C ILE A 34 1.96 24.57 -13.33
N ALA A 41 -5.97 24.38 -13.60
CA ALA A 41 -7.42 24.28 -13.62
C ALA A 41 -7.90 23.41 -12.50
N ARG A 42 -7.30 22.22 -12.47
CA ARG A 42 -7.55 21.22 -11.46
C ARG A 42 -7.37 21.91 -10.12
N ILE A 43 -6.43 22.86 -10.17
CA ILE A 43 -6.03 23.69 -9.07
C ILE A 43 -7.01 24.82 -8.83
N GLN A 44 -7.58 25.31 -9.94
CA GLN A 44 -8.55 26.38 -9.92
C GLN A 44 -9.64 26.16 -8.89
N HIS A 45 -10.16 24.92 -8.90
CA HIS A 45 -11.22 24.43 -8.03
C HIS A 45 -10.83 24.17 -6.60
N HIS A 46 -9.58 23.74 -6.40
CA HIS A 46 -9.09 23.44 -5.06
C HIS A 46 -9.31 24.69 -4.25
N LYS A 47 -8.82 25.76 -4.88
CA LYS A 47 -8.94 27.08 -4.33
C LYS A 47 -10.39 27.33 -4.06
N ASP A 48 -11.18 27.22 -5.13
CA ASP A 48 -12.62 27.43 -5.12
C ASP A 48 -13.39 26.87 -3.92
N GLY A 49 -12.93 25.71 -3.45
CA GLY A 49 -13.53 25.03 -2.31
C GLY A 49 -12.70 25.24 -1.06
N ARG A 50 -11.97 26.34 -1.04
CA ARG A 50 -11.13 26.71 0.08
C ARG A 50 -11.71 27.91 0.81
N PRO A 51 -11.97 27.76 2.09
CA PRO A 51 -12.54 28.83 2.89
C PRO A 51 -11.88 30.19 2.76
N ALA A 52 -12.64 31.18 3.24
CA ALA A 52 -12.31 32.58 3.24
C ALA A 52 -11.19 32.97 4.19
N HIS A 53 -11.22 32.41 5.38
CA HIS A 53 -10.24 32.68 6.42
C HIS A 53 -9.00 31.80 6.32
N TRP A 54 -8.77 31.32 5.12
CA TRP A 54 -7.64 30.49 4.78
C TRP A 54 -6.84 31.17 3.69
N ARG A 55 -5.59 31.53 3.96
CA ARG A 55 -4.74 32.11 2.94
C ARG A 55 -3.84 30.98 2.43
N THR A 56 -3.40 31.09 1.18
CA THR A 56 -2.58 30.11 0.49
C THR A 56 -1.16 30.59 0.14
N ALA A 57 -0.19 29.76 0.47
CA ALA A 57 1.21 30.05 0.20
C ALA A 57 1.77 29.06 -0.78
N GLU A 58 2.01 29.49 -2.02
CA GLU A 58 2.58 28.61 -3.04
C GLU A 58 4.09 28.49 -2.95
N CYS A 59 4.57 27.54 -2.14
CA CYS A 59 5.99 27.32 -1.99
C CYS A 59 6.35 25.91 -1.56
N TRP A 60 7.53 25.49 -1.97
CA TRP A 60 8.06 24.19 -1.65
C TRP A 60 9.48 24.30 -1.13
N ARG A 61 9.82 25.50 -0.69
CA ARG A 61 11.13 25.82 -0.14
C ARG A 61 10.98 26.75 1.04
N HIS A 62 11.91 26.66 1.99
CA HIS A 62 11.96 27.47 3.20
C HIS A 62 10.61 27.72 3.86
N LEU A 63 10.15 26.61 4.40
CA LEU A 63 8.88 26.54 5.04
C LEU A 63 9.01 27.15 6.37
N ASP A 64 10.26 27.12 6.78
CA ASP A 64 10.62 27.71 8.02
C ASP A 64 10.24 29.19 7.96
N THR A 65 10.05 29.72 6.76
CA THR A 65 9.63 31.08 6.49
C THR A 65 8.13 31.27 6.75
N LEU A 66 7.41 30.15 6.83
CA LEU A 66 5.98 30.19 7.06
C LEU A 66 5.60 29.52 8.33
N ILE A 67 6.40 28.53 8.71
CA ILE A 67 6.13 27.82 9.93
C ILE A 67 6.93 28.46 11.03
N THR A 68 6.33 29.49 11.56
CA THR A 68 6.90 30.36 12.54
C THR A 68 6.65 30.16 14.03
N ALA A 69 7.64 30.59 14.83
CA ALA A 69 7.53 30.44 16.28
C ALA A 69 6.48 31.31 16.91
N ASP A 70 6.20 32.41 16.22
CA ASP A 70 5.24 33.34 16.69
C ASP A 70 3.87 32.94 16.34
N LEU A 71 3.70 32.03 15.39
CA LEU A 71 2.37 31.61 15.01
C LEU A 71 1.55 31.25 16.25
N ALA A 72 0.27 31.73 16.27
CA ALA A 72 -0.75 31.52 17.31
C ALA A 72 -1.22 30.06 17.31
N PRO A 73 -1.14 29.45 18.50
CA PRO A 73 -1.51 28.09 18.79
C PRO A 73 -2.84 27.69 18.22
N ASP A 74 -3.81 28.56 18.47
CA ASP A 74 -5.16 28.32 18.03
C ASP A 74 -5.30 28.47 16.52
N ASP A 75 -4.18 28.77 15.87
CA ASP A 75 -4.13 28.91 14.42
C ASP A 75 -3.51 27.64 13.84
N ALA A 76 -3.68 27.40 12.53
CA ALA A 76 -3.15 26.19 11.93
C ALA A 76 -2.55 26.38 10.56
N ILE A 77 -1.76 25.34 10.22
CA ILE A 77 -1.08 25.20 8.95
C ILE A 77 -1.48 23.86 8.32
N LEU A 78 -1.73 23.86 7.03
CA LEU A 78 -2.08 22.64 6.33
C LEU A 78 -1.06 22.53 5.21
N LEU A 79 -0.16 21.56 5.22
CA LEU A 79 0.82 21.48 4.12
C LEU A 79 0.40 20.40 3.12
N GLU A 80 0.35 20.75 1.82
CA GLU A 80 -0.07 19.79 0.81
C GLU A 80 0.61 19.99 -0.52
N CYS A 81 1.48 19.04 -0.87
CA CYS A 81 1.79 17.89 -0.07
C CYS A 81 3.26 17.59 -0.16
N ILE A 82 3.71 16.79 0.78
CA ILE A 82 5.10 16.40 0.89
C ILE A 82 5.76 15.78 -0.32
N THR A 83 5.07 14.84 -0.99
CA THR A 83 5.61 14.13 -2.16
C THR A 83 5.91 14.98 -3.37
N THR A 84 5.04 15.94 -3.52
CA THR A 84 5.10 16.93 -4.55
C THR A 84 6.37 17.72 -4.32
N MET A 85 6.48 18.18 -3.09
CA MET A 85 7.60 18.99 -2.68
C MET A 85 8.88 18.32 -3.01
N VAL A 86 8.84 17.02 -2.75
CA VAL A 86 9.94 16.13 -3.00
C VAL A 86 10.31 16.15 -4.48
N THR A 87 9.30 15.91 -5.29
CA THR A 87 9.45 15.92 -6.72
C THR A 87 10.11 17.19 -7.24
N ASN A 88 9.57 18.33 -6.82
CA ASN A 88 10.12 19.58 -7.26
C ASN A 88 11.54 19.73 -6.81
N LEU A 89 11.80 19.22 -5.61
CA LEU A 89 13.13 19.32 -5.05
C LEU A 89 14.19 18.66 -5.90
N LEU A 90 13.90 17.42 -6.26
CA LEU A 90 14.76 16.61 -7.10
C LEU A 90 15.00 17.30 -8.41
N PHE A 91 13.89 17.77 -8.97
CA PHE A 91 13.94 18.45 -10.22
C PHE A 91 14.71 19.73 -10.10
N ALA A 92 14.78 20.29 -8.88
CA ALA A 92 15.51 21.51 -8.65
C ALA A 92 16.99 21.19 -8.82
N LEU A 93 17.43 20.25 -8.01
CA LEU A 93 18.80 19.76 -8.03
C LEU A 93 19.08 19.19 -9.41
N ASP A 98 19.87 15.74 -17.07
CA ASP A 98 19.00 14.62 -17.40
C ASP A 98 18.90 13.55 -16.29
N PRO A 99 17.68 13.42 -15.69
CA PRO A 99 17.32 12.44 -14.66
C PRO A 99 18.13 11.13 -14.62
N GLU A 100 18.94 10.78 -15.65
CA GLU A 100 19.79 9.57 -15.66
C GLU A 100 21.15 9.88 -15.00
N GLN A 101 21.66 11.05 -15.37
CA GLN A 101 22.90 11.59 -14.89
C GLN A 101 22.70 12.31 -13.56
N TRP A 102 21.78 11.78 -12.75
CA TRP A 102 21.51 12.38 -11.46
C TRP A 102 22.21 11.63 -10.34
N ASP A 103 22.84 12.39 -9.44
CA ASP A 103 23.52 11.79 -8.32
C ASP A 103 22.57 11.71 -7.13
N TYR A 104 21.71 10.70 -7.24
CA TYR A 104 20.70 10.40 -6.26
C TYR A 104 21.12 10.51 -4.80
N ALA A 105 22.24 9.89 -4.41
CA ALA A 105 22.69 9.94 -3.02
C ALA A 105 22.81 11.37 -2.49
N ALA A 106 23.34 12.19 -3.38
CA ALA A 106 23.57 13.60 -3.14
C ALA A 106 22.26 14.36 -3.13
N MET A 107 21.41 14.02 -4.09
CA MET A 107 20.13 14.68 -4.21
C MET A 107 19.38 14.53 -2.91
N GLU A 108 19.28 13.27 -2.55
CA GLU A 108 18.61 12.83 -1.37
C GLU A 108 19.05 13.55 -0.10
N ARG A 109 20.37 13.76 0.06
CA ARG A 109 20.92 14.46 1.22
C ARG A 109 20.41 15.90 1.29
N ALA A 110 20.32 16.53 0.12
CA ALA A 110 19.86 17.90 0.04
C ALA A 110 18.40 17.96 0.48
N ILE A 111 17.66 16.98 -0.03
CA ILE A 111 16.25 16.80 0.25
C ILE A 111 16.11 16.71 1.76
N ASP A 112 16.90 15.85 2.36
CA ASP A 112 16.81 15.74 3.80
C ASP A 112 17.18 17.07 4.48
N ASP A 113 18.06 17.89 3.91
CA ASP A 113 18.38 19.15 4.54
C ASP A 113 17.11 20.01 4.71
N GLU A 114 16.30 19.97 3.65
CA GLU A 114 15.05 20.70 3.58
C GLU A 114 14.01 20.13 4.53
N ILE A 115 14.18 18.82 4.80
CA ILE A 115 13.27 18.08 5.66
C ILE A 115 13.54 18.40 7.11
N GLN A 116 14.83 18.53 7.37
CA GLN A 116 15.23 18.88 8.71
C GLN A 116 14.73 20.28 9.04
N ILE A 117 14.82 21.20 8.04
CA ILE A 117 14.36 22.57 8.25
C ILE A 117 12.93 22.49 8.69
N LEU A 118 12.16 21.87 7.80
CA LEU A 118 10.75 21.64 7.99
C LEU A 118 10.52 21.05 9.39
N ILE A 119 11.27 20.01 9.66
CA ILE A 119 11.12 19.40 10.93
C ILE A 119 11.38 20.34 12.11
N ALA A 120 12.56 20.98 12.16
CA ALA A 120 12.83 21.90 13.25
C ALA A 120 11.77 22.98 13.32
N ALA A 121 11.35 23.50 12.14
CA ALA A 121 10.29 24.53 12.06
C ALA A 121 9.05 24.08 12.82
N CYS A 122 8.58 22.87 12.51
CA CYS A 122 7.41 22.38 13.23
C CYS A 122 7.66 22.13 14.69
N GLN A 123 8.92 22.15 15.09
CA GLN A 123 9.27 21.91 16.48
C GLN A 123 9.03 23.11 17.36
N ARG A 124 9.02 24.26 16.71
CA ARG A 124 8.86 25.50 17.41
C ARG A 124 7.66 26.31 16.97
N CYS A 125 6.83 25.73 16.13
CA CYS A 125 5.67 26.47 15.72
C CYS A 125 4.59 26.16 16.75
N PRO A 126 3.98 27.17 17.37
CA PRO A 126 2.98 26.83 18.37
C PRO A 126 1.62 26.47 17.79
N ALA A 127 1.46 26.69 16.51
CA ALA A 127 0.20 26.40 15.85
C ALA A 127 0.12 24.95 15.37
N LYS A 128 -1.10 24.58 15.06
CA LYS A 128 -1.35 23.26 14.56
C LYS A 128 -0.77 23.14 13.14
N VAL A 129 0.10 22.13 13.00
CA VAL A 129 0.76 21.81 11.75
C VAL A 129 0.41 20.42 11.25
N VAL A 130 -0.25 20.41 10.11
CA VAL A 130 -0.65 19.20 9.47
C VAL A 130 0.00 19.11 8.14
N LEU A 131 0.65 17.98 7.92
CA LEU A 131 1.30 17.74 6.65
C LEU A 131 0.68 16.57 5.95
N VAL A 132 0.46 16.75 4.69
CA VAL A 132 -0.09 15.67 3.92
C VAL A 132 0.98 15.13 2.97
N THR A 133 1.09 13.80 2.96
CA THR A 133 1.99 13.03 2.11
C THR A 133 1.24 11.81 1.57
N ASN A 134 1.90 11.05 0.69
CA ASN A 134 1.28 9.86 0.11
C ASN A 134 2.10 8.62 0.31
N GLU A 135 1.41 7.47 0.19
CA GLU A 135 2.08 6.20 0.24
C GLU A 135 2.39 5.94 -1.22
N VAL A 136 3.64 5.60 -1.54
CA VAL A 136 3.97 5.38 -2.95
C VAL A 136 4.85 4.18 -3.18
N GLY A 137 5.17 3.41 -2.12
CA GLY A 137 6.04 2.25 -2.26
C GLY A 137 5.29 0.92 -2.07
N MET A 138 3.97 0.91 -2.35
CA MET A 138 3.17 -0.31 -2.17
C MET A 138 2.80 -0.97 -3.47
N GLY A 139 3.56 -0.62 -4.49
CA GLY A 139 3.35 -1.20 -5.79
C GLY A 139 4.62 -1.95 -6.14
N ILE A 140 4.76 -2.30 -7.40
CA ILE A 140 5.90 -3.00 -7.96
C ILE A 140 7.13 -2.08 -8.18
N VAL A 141 8.31 -2.69 -8.27
CA VAL A 141 9.51 -1.91 -8.52
C VAL A 141 9.52 -1.36 -9.93
N PRO A 142 9.65 -0.05 -10.01
CA PRO A 142 9.65 0.64 -11.26
C PRO A 142 10.87 0.45 -12.13
N GLU A 143 10.55 0.45 -13.42
CA GLU A 143 11.49 0.29 -14.50
C GLU A 143 12.20 1.58 -14.71
N ASN A 144 11.49 2.65 -14.32
CA ASN A 144 12.09 3.94 -14.46
C ASN A 144 13.04 4.23 -13.29
N ARG A 145 14.26 4.60 -13.66
CA ARG A 145 15.30 4.89 -12.69
C ARG A 145 15.07 6.09 -11.76
N LEU A 146 14.39 7.10 -12.24
CA LEU A 146 14.16 8.21 -11.35
C LEU A 146 13.13 7.77 -10.35
N ALA A 147 12.00 7.35 -10.93
CA ALA A 147 10.85 6.88 -10.20
C ALA A 147 11.24 5.94 -9.08
N ARG A 148 12.29 5.20 -9.35
CA ARG A 148 12.79 4.22 -8.42
C ARG A 148 13.46 4.91 -7.27
N HIS A 149 14.19 5.93 -7.65
CA HIS A 149 14.85 6.69 -6.63
C HIS A 149 13.86 7.59 -5.93
N PHE A 150 12.95 8.16 -6.72
CA PHE A 150 11.93 9.03 -6.17
C PHE A 150 11.15 8.30 -5.09
N ARG A 151 10.67 7.17 -5.53
CA ARG A 151 9.92 6.30 -4.70
C ARG A 151 10.75 5.97 -3.47
N ASP A 152 12.09 5.77 -3.61
CA ASP A 152 12.99 5.49 -2.47
C ASP A 152 13.15 6.68 -1.53
N ILE A 153 13.38 7.87 -2.11
CA ILE A 153 13.53 9.08 -1.29
C ILE A 153 12.25 9.43 -0.52
N ALA A 154 11.16 9.34 -1.28
CA ALA A 154 9.82 9.58 -0.76
C ALA A 154 9.59 8.85 0.56
N GLY A 155 9.89 7.55 0.56
CA GLY A 155 9.69 6.75 1.76
C GLY A 155 10.55 7.17 2.95
N ARG A 156 11.85 7.35 2.71
CA ARG A 156 12.73 7.75 3.80
C ARG A 156 12.23 9.06 4.43
N VAL A 157 11.82 9.98 3.55
CA VAL A 157 11.28 11.24 3.99
C VAL A 157 10.08 11.02 4.91
N ASN A 158 9.21 10.06 4.55
CA ASN A 158 8.02 9.81 5.38
C ASN A 158 8.35 9.29 6.76
N GLN A 159 9.34 8.41 6.82
CA GLN A 159 9.74 7.88 8.09
C GLN A 159 10.13 9.02 9.05
N ARG A 160 11.01 9.92 8.54
CA ARG A 160 11.49 11.07 9.33
C ARG A 160 10.34 11.89 9.91
N LEU A 161 9.46 12.30 9.02
CA LEU A 161 8.29 13.04 9.42
C LEU A 161 7.46 12.28 10.46
N ALA A 162 7.12 11.04 10.12
CA ALA A 162 6.37 10.18 11.00
C ALA A 162 7.08 10.11 12.34
N ALA A 163 8.39 9.91 12.28
CA ALA A 163 9.14 9.85 13.51
C ALA A 163 9.06 11.22 14.20
N ALA A 164 8.94 12.30 13.43
CA ALA A 164 8.88 13.63 14.04
C ALA A 164 7.51 13.98 14.53
N ALA A 165 6.55 13.51 13.76
CA ALA A 165 5.18 13.81 14.09
C ALA A 165 4.74 13.33 15.46
N ASP A 166 3.71 13.99 15.98
CA ASP A 166 3.13 13.63 17.27
C ASP A 166 2.01 12.59 17.07
N GLU A 167 1.36 12.72 15.92
CA GLU A 167 0.26 11.88 15.51
C GLU A 167 0.49 11.53 14.06
N VAL A 168 0.23 10.28 13.73
CA VAL A 168 0.35 9.76 12.38
C VAL A 168 -0.92 9.00 12.02
N TRP A 169 -1.49 9.31 10.86
CA TRP A 169 -2.71 8.69 10.40
C TRP A 169 -2.56 8.14 9.04
N LEU A 170 -2.98 6.90 8.87
CA LEU A 170 -2.97 6.30 7.57
C LEU A 170 -4.44 6.35 7.15
N VAL A 171 -4.75 6.86 5.98
CA VAL A 171 -6.13 6.96 5.51
C VAL A 171 -6.43 5.97 4.40
N VAL A 172 -7.43 5.16 4.68
CA VAL A 172 -7.83 4.16 3.73
C VAL A 172 -9.27 4.13 3.26
N SER A 173 -9.41 4.38 1.95
CA SER A 173 -10.70 4.46 1.30
C SER A 173 -11.48 5.51 2.03
N GLY A 174 -10.81 6.61 2.38
CA GLY A 174 -11.52 7.65 3.09
C GLY A 174 -11.64 7.43 4.59
N ILE A 175 -11.15 6.28 5.06
CA ILE A 175 -11.19 5.95 6.46
C ILE A 175 -9.85 6.22 7.08
N GLY A 176 -9.91 6.96 8.18
CA GLY A 176 -8.70 7.33 8.89
C GLY A 176 -8.30 6.33 9.94
N VAL A 177 -7.04 5.90 9.87
CA VAL A 177 -6.45 4.95 10.82
C VAL A 177 -5.31 5.63 11.57
N LYS A 178 -5.49 5.82 12.87
CA LYS A 178 -4.46 6.47 13.67
C LYS A 178 -3.36 5.47 14.04
N ILE A 179 -2.20 5.57 13.39
CA ILE A 179 -1.10 4.66 13.66
C ILE A 179 -0.12 5.10 14.76
N LYS A 180 -0.08 6.40 14.99
CA LYS A 180 0.76 7.00 16.03
C LYS A 180 0.03 8.13 16.70
N MET B 1 7.49 -17.79 14.23
CA MET B 1 8.07 -16.67 13.53
C MET B 1 7.15 -15.47 13.51
N ILE B 2 7.71 -14.45 12.93
CA ILE B 2 7.09 -13.19 12.79
C ILE B 2 7.22 -12.72 11.39
N LEU B 3 6.13 -12.20 10.89
CA LEU B 3 6.20 -11.70 9.54
C LEU B 3 6.19 -10.19 9.62
N VAL B 4 7.00 -9.53 8.78
CA VAL B 4 7.11 -8.07 8.73
C VAL B 4 6.96 -7.58 7.29
N THR B 5 5.91 -6.85 7.00
CA THR B 5 5.75 -6.40 5.64
C THR B 5 5.53 -4.89 5.57
N GLY B 6 5.72 -4.30 4.40
CA GLY B 6 5.55 -2.87 4.17
C GLY B 6 6.00 -2.55 2.75
N GLY B 7 5.80 -1.32 2.27
CA GLY B 7 6.25 -1.04 0.92
C GLY B 7 7.75 -0.78 0.91
N ALA B 8 8.22 -0.19 -0.18
CA ALA B 8 9.60 0.15 -0.29
C ALA B 8 9.90 1.36 0.58
N ARG B 9 10.93 1.20 1.39
CA ARG B 9 11.39 2.25 2.27
C ARG B 9 10.36 2.66 3.28
N SER B 10 9.76 1.62 3.83
CA SER B 10 8.73 1.71 4.84
C SER B 10 9.34 1.67 6.22
N GLY B 11 10.57 1.21 6.32
CA GLY B 11 11.19 1.11 7.62
C GLY B 11 11.01 -0.28 8.20
N LYS B 12 10.53 -1.17 7.35
CA LYS B 12 10.35 -2.52 7.81
C LYS B 12 11.70 -3.15 8.20
N SER B 13 12.84 -2.85 7.50
CA SER B 13 14.11 -3.49 7.90
C SER B 13 14.46 -3.19 9.35
N ARG B 14 14.37 -1.93 9.65
CA ARG B 14 14.65 -1.38 10.94
C ARG B 14 13.65 -1.82 12.01
N HIS B 15 12.40 -1.99 11.62
CA HIS B 15 11.43 -2.47 12.59
C HIS B 15 11.75 -3.95 12.92
N ALA B 16 12.05 -4.74 11.89
CA ALA B 16 12.41 -6.15 12.01
C ALA B 16 13.55 -6.27 13.03
N GLU B 17 14.57 -5.46 12.75
CA GLU B 17 15.76 -5.37 13.56
C GLU B 17 15.36 -5.03 14.98
N ALA B 18 14.37 -4.16 15.09
CA ALA B 18 13.96 -3.83 16.42
C ALA B 18 13.31 -5.05 17.05
N LEU B 19 12.54 -5.80 16.28
CA LEU B 19 11.90 -7.00 16.83
C LEU B 19 12.93 -7.97 17.44
N ILE B 20 14.08 -8.07 16.80
CA ILE B 20 15.20 -8.92 17.23
C ILE B 20 15.94 -8.30 18.43
N GLY B 21 16.26 -7.03 18.31
CA GLY B 21 16.94 -6.33 19.36
C GLY B 21 18.31 -6.86 19.76
N ASP B 22 18.47 -6.95 21.07
CA ASP B 22 19.69 -7.34 21.76
C ASP B 22 20.12 -8.79 21.71
N ALA B 23 19.42 -9.63 20.99
CA ALA B 23 19.79 -11.04 20.91
C ALA B 23 21.31 -11.39 20.69
N PRO B 24 21.87 -12.17 21.64
CA PRO B 24 23.28 -12.59 21.68
C PRO B 24 23.87 -12.98 20.36
N GLN B 25 23.23 -13.95 19.74
CA GLN B 25 23.67 -14.45 18.47
C GLN B 25 22.59 -14.30 17.45
N VAL B 26 22.93 -13.65 16.36
CA VAL B 26 21.97 -13.44 15.32
C VAL B 26 22.55 -13.91 14.00
N LEU B 27 21.65 -14.42 13.20
CA LEU B 27 22.03 -14.83 11.89
C LEU B 27 21.17 -14.05 10.92
N TYR B 28 21.81 -13.23 10.12
CA TYR B 28 21.13 -12.44 9.13
C TYR B 28 21.10 -13.24 7.86
N ILE B 29 19.92 -13.55 7.34
CA ILE B 29 19.92 -14.29 6.11
C ILE B 29 19.55 -13.29 5.07
N ALA B 30 20.50 -13.12 4.14
CA ALA B 30 20.43 -12.20 3.03
C ALA B 30 20.33 -12.90 1.68
N THR B 31 19.17 -12.73 1.06
CA THR B 31 18.76 -13.32 -0.22
C THR B 31 19.09 -12.56 -1.49
N SER B 32 19.52 -11.32 -1.37
CA SER B 32 19.81 -10.62 -2.59
C SER B 32 21.07 -11.10 -3.25
N GLN B 33 21.01 -11.01 -4.57
CA GLN B 33 22.08 -11.33 -5.47
C GLN B 33 22.51 -9.97 -5.97
N ILE B 34 23.78 -9.60 -5.81
CA ILE B 34 24.18 -8.28 -6.28
C ILE B 34 24.47 -8.23 -7.76
N LEU B 35 23.50 -7.80 -8.56
CA LEU B 35 23.73 -7.74 -9.99
C LEU B 35 24.14 -6.37 -10.51
N ASP B 36 24.86 -5.60 -9.69
CA ASP B 36 25.29 -4.28 -10.07
C ASP B 36 26.14 -3.70 -8.96
N ASP B 37 26.97 -2.74 -9.35
CA ASP B 37 27.84 -2.03 -8.43
C ASP B 37 26.95 -1.16 -7.57
N GLU B 38 25.79 -0.80 -8.15
CA GLU B 38 24.75 0.00 -7.51
C GLU B 38 24.11 -0.83 -6.42
N MET B 39 23.79 -2.05 -6.81
CA MET B 39 23.17 -3.01 -5.93
C MET B 39 24.20 -3.44 -4.91
N ALA B 40 25.46 -3.53 -5.34
CA ALA B 40 26.52 -3.92 -4.43
C ALA B 40 26.89 -2.80 -3.44
N ALA B 41 26.99 -1.61 -4.00
CA ALA B 41 27.35 -0.44 -3.24
C ALA B 41 26.36 -0.17 -2.15
N ARG B 42 25.11 -0.49 -2.42
CA ARG B 42 24.15 -0.23 -1.39
C ARG B 42 24.11 -1.26 -0.28
N ILE B 43 24.40 -2.49 -0.62
CA ILE B 43 24.39 -3.54 0.38
C ILE B 43 25.40 -3.18 1.45
N GLN B 44 26.34 -2.36 1.00
CA GLN B 44 27.42 -1.82 1.80
C GLN B 44 26.92 -1.15 3.05
N HIS B 45 26.00 -0.22 2.90
CA HIS B 45 25.50 0.46 4.06
C HIS B 45 24.87 -0.51 5.05
N HIS B 46 24.29 -1.54 4.45
CA HIS B 46 23.63 -2.57 5.21
C HIS B 46 24.66 -3.21 6.10
N LYS B 47 25.74 -3.71 5.50
CA LYS B 47 26.77 -4.33 6.30
C LYS B 47 27.36 -3.39 7.32
N ASP B 48 27.72 -2.21 6.82
CA ASP B 48 28.34 -1.19 7.64
C ASP B 48 27.65 -0.97 8.95
N GLY B 49 26.36 -1.17 8.93
CA GLY B 49 25.74 -1.04 10.22
C GLY B 49 25.62 -2.39 10.93
N ARG B 50 25.98 -3.45 10.26
CA ARG B 50 25.81 -4.72 10.93
C ARG B 50 26.76 -4.97 12.09
N PRO B 51 26.23 -5.65 13.08
CA PRO B 51 26.99 -5.97 14.26
C PRO B 51 27.93 -7.18 14.12
N ALA B 52 28.84 -7.26 15.10
CA ALA B 52 29.88 -8.29 15.21
C ALA B 52 29.33 -9.61 15.70
N HIS B 53 28.26 -9.53 16.44
CA HIS B 53 27.66 -10.73 16.93
C HIS B 53 26.49 -11.15 16.01
N TRP B 54 26.57 -10.73 14.76
CA TRP B 54 25.57 -11.08 13.78
C TRP B 54 26.30 -11.76 12.64
N ARG B 55 25.95 -13.02 12.29
CA ARG B 55 26.60 -13.71 11.18
C ARG B 55 25.70 -13.57 9.97
N THR B 56 26.31 -13.38 8.83
CA THR B 56 25.59 -13.20 7.59
C THR B 56 25.81 -14.38 6.70
N ALA B 57 24.81 -14.57 5.93
CA ALA B 57 24.70 -15.58 4.97
C ALA B 57 23.72 -15.07 3.99
N GLU B 58 24.45 -15.09 2.95
CA GLU B 58 24.33 -14.89 1.69
C GLU B 58 23.86 -16.13 1.07
N CYS B 59 22.59 -16.33 1.44
CA CYS B 59 21.74 -17.37 0.86
C CYS B 59 20.24 -17.17 0.48
N TRP B 60 19.65 -18.08 -0.36
CA TRP B 60 18.22 -18.00 -0.78
C TRP B 60 17.53 -19.31 -1.23
N ARG B 61 18.24 -20.42 -1.03
CA ARG B 61 17.80 -21.77 -1.33
C ARG B 61 18.10 -22.63 -0.09
N HIS B 62 17.30 -23.64 0.17
CA HIS B 62 17.52 -24.51 1.31
C HIS B 62 17.72 -23.85 2.65
N LEU B 63 17.05 -22.77 2.95
CA LEU B 63 17.23 -22.15 4.25
C LEU B 63 16.98 -23.08 5.43
N ASP B 64 16.42 -24.27 5.09
CA ASP B 64 16.07 -25.38 5.97
C ASP B 64 17.36 -25.93 6.59
N THR B 65 18.41 -25.55 5.88
CA THR B 65 19.78 -25.85 6.18
C THR B 65 20.29 -24.81 7.15
N LEU B 66 19.66 -23.61 7.08
CA LEU B 66 20.01 -22.49 7.95
C LEU B 66 19.05 -22.39 9.11
N ILE B 67 17.77 -22.41 8.81
CA ILE B 67 16.76 -22.32 9.85
C ILE B 67 16.62 -23.71 10.41
N THR B 68 17.38 -23.92 11.45
CA THR B 68 17.51 -25.20 12.06
C THR B 68 16.84 -25.52 13.38
N ALA B 69 16.65 -26.84 13.61
CA ALA B 69 16.00 -27.34 14.80
C ALA B 69 16.76 -27.41 16.11
N ASP B 70 18.09 -27.33 16.06
CA ASP B 70 18.85 -27.37 17.30
C ASP B 70 19.07 -25.96 17.82
N LEU B 71 18.57 -24.99 17.07
CA LEU B 71 18.74 -23.63 17.48
C LEU B 71 18.22 -23.30 18.88
N ALA B 72 18.96 -22.42 19.52
CA ALA B 72 18.69 -21.92 20.84
C ALA B 72 17.56 -20.91 20.77
N PRO B 73 16.62 -21.06 21.67
CA PRO B 73 15.44 -20.21 21.79
C PRO B 73 15.76 -18.75 22.07
N ASP B 74 17.00 -18.46 22.45
CA ASP B 74 17.41 -17.11 22.77
C ASP B 74 18.04 -16.42 21.58
N ASP B 75 18.37 -17.23 20.57
CA ASP B 75 18.98 -16.78 19.32
C ASP B 75 17.93 -16.34 18.33
N ALA B 76 18.36 -15.65 17.30
CA ALA B 76 17.38 -15.19 16.37
C ALA B 76 17.86 -15.31 14.98
N ILE B 77 16.91 -15.22 14.07
CA ILE B 77 17.22 -15.28 12.67
C ILE B 77 16.39 -14.22 12.00
N LEU B 78 17.03 -13.45 11.12
CA LEU B 78 16.43 -12.37 10.35
C LEU B 78 16.58 -12.66 8.89
N LEU B 79 15.47 -12.89 8.22
CA LEU B 79 15.65 -13.19 6.83
C LEU B 79 15.24 -12.02 6.04
N GLU B 80 16.13 -11.58 5.15
CA GLU B 80 15.87 -10.42 4.30
C GLU B 80 16.23 -10.60 2.81
N CYS B 81 15.21 -10.71 1.93
CA CYS B 81 13.78 -10.70 2.22
C CYS B 81 13.04 -11.65 1.30
N ILE B 82 11.80 -11.93 1.62
CA ILE B 82 11.01 -12.85 0.81
C ILE B 82 10.98 -12.56 -0.68
N THR B 83 10.60 -11.33 -1.00
CA THR B 83 10.50 -10.81 -2.37
C THR B 83 11.68 -11.08 -3.33
N THR B 84 12.87 -10.96 -2.80
CA THR B 84 14.12 -11.16 -3.50
C THR B 84 14.31 -12.63 -3.78
N MET B 85 13.99 -13.38 -2.75
CA MET B 85 14.08 -14.80 -2.80
C MET B 85 13.15 -15.27 -3.88
N VAL B 86 11.97 -14.71 -3.84
CA VAL B 86 10.99 -15.08 -4.82
C VAL B 86 11.44 -14.67 -6.17
N THR B 87 12.01 -13.49 -6.23
CA THR B 87 12.45 -13.09 -7.54
C THR B 87 13.58 -13.98 -8.00
N ASN B 88 14.41 -14.38 -7.04
CA ASN B 88 15.54 -15.22 -7.31
C ASN B 88 15.07 -16.53 -7.90
N LEU B 89 14.11 -17.14 -7.22
CA LEU B 89 13.57 -18.40 -7.68
C LEU B 89 13.00 -18.35 -9.10
N LEU B 90 12.14 -17.35 -9.34
CA LEU B 90 11.50 -17.06 -10.61
C LEU B 90 12.51 -17.06 -11.73
N PHE B 91 13.55 -16.25 -11.69
CA PHE B 91 14.47 -16.36 -12.82
C PHE B 91 15.30 -17.69 -12.85
N ALA B 92 15.41 -18.40 -11.73
CA ALA B 92 16.14 -19.64 -11.73
C ALA B 92 15.37 -20.54 -12.65
N LEU B 93 14.14 -20.71 -12.20
CA LEU B 93 13.13 -21.48 -12.85
C LEU B 93 13.07 -21.19 -14.34
N GLY B 94 12.92 -19.92 -14.60
CA GLY B 94 12.82 -19.40 -15.94
C GLY B 94 13.94 -19.89 -16.82
N GLY B 95 15.15 -19.95 -16.25
CA GLY B 95 16.34 -20.38 -16.97
C GLY B 95 16.68 -19.49 -18.17
N GLU B 96 17.36 -20.06 -19.17
CA GLU B 96 17.76 -19.33 -20.37
C GLU B 96 16.62 -19.12 -21.37
N ASN B 97 15.40 -18.92 -20.85
CA ASN B 97 14.20 -18.68 -21.63
C ASN B 97 13.62 -17.33 -21.27
N ASP B 98 12.98 -16.65 -22.22
CA ASP B 98 12.38 -15.35 -21.92
C ASP B 98 11.19 -15.51 -21.01
N PRO B 99 11.09 -14.53 -20.11
CA PRO B 99 10.00 -14.44 -19.19
C PRO B 99 8.68 -14.55 -19.94
N GLU B 100 8.74 -14.16 -21.20
CA GLU B 100 7.58 -14.23 -22.06
C GLU B 100 7.11 -15.67 -22.12
N GLN B 101 8.03 -16.51 -22.57
CA GLN B 101 7.81 -17.93 -22.71
C GLN B 101 7.82 -18.71 -21.39
N TRP B 102 7.54 -18.03 -20.28
CA TRP B 102 7.50 -18.71 -18.98
C TRP B 102 6.15 -19.38 -18.65
N ASP B 103 6.19 -20.43 -17.80
CA ASP B 103 5.01 -21.17 -17.36
C ASP B 103 4.74 -20.87 -15.89
N TYR B 104 4.25 -19.66 -15.70
CA TYR B 104 3.89 -19.10 -14.42
C TYR B 104 3.12 -20.10 -13.56
N ALA B 105 2.26 -20.88 -14.17
CA ALA B 105 1.53 -21.86 -13.39
C ALA B 105 2.50 -22.83 -12.71
N ALA B 106 3.49 -23.22 -13.53
CA ALA B 106 4.52 -24.15 -13.09
C ALA B 106 5.35 -23.56 -11.99
N MET B 107 5.95 -22.44 -12.37
CA MET B 107 6.80 -21.68 -11.49
C MET B 107 6.13 -21.48 -10.15
N GLU B 108 4.92 -20.96 -10.19
CA GLU B 108 4.23 -20.76 -8.94
C GLU B 108 4.09 -22.01 -8.09
N ARG B 109 3.97 -23.13 -8.78
CA ARG B 109 3.85 -24.41 -8.13
C ARG B 109 5.19 -24.81 -7.55
N ALA B 110 6.24 -24.54 -8.30
CA ALA B 110 7.55 -24.85 -7.80
C ALA B 110 7.88 -23.92 -6.63
N ILE B 111 7.43 -22.66 -6.76
CA ILE B 111 7.66 -21.66 -5.74
C ILE B 111 7.03 -22.08 -4.42
N ASP B 112 5.78 -22.51 -4.49
CA ASP B 112 5.11 -22.94 -3.28
C ASP B 112 5.87 -24.04 -2.51
N ASP B 113 6.54 -24.90 -3.26
CA ASP B 113 7.29 -25.97 -2.64
C ASP B 113 8.40 -25.45 -1.75
N GLU B 114 9.16 -24.51 -2.28
CA GLU B 114 10.22 -23.97 -1.48
C GLU B 114 9.66 -23.20 -0.29
N ILE B 115 8.52 -22.52 -0.50
CA ILE B 115 7.90 -21.81 0.60
C ILE B 115 7.47 -22.80 1.68
N GLN B 116 6.83 -23.89 1.26
CA GLN B 116 6.36 -24.89 2.22
C GLN B 116 7.48 -25.35 3.15
N ILE B 117 8.62 -25.59 2.51
CA ILE B 117 9.81 -26.01 3.19
C ILE B 117 10.26 -25.00 4.22
N LEU B 118 10.32 -23.75 3.77
CA LEU B 118 10.69 -22.67 4.64
C LEU B 118 9.79 -22.64 5.88
N ILE B 119 8.49 -22.66 5.64
CA ILE B 119 7.54 -22.66 6.75
C ILE B 119 7.78 -23.79 7.76
N ALA B 120 8.02 -24.97 7.21
CA ALA B 120 8.29 -26.10 8.04
C ALA B 120 9.51 -25.80 8.92
N ALA B 121 10.55 -25.30 8.26
CA ALA B 121 11.76 -24.97 8.98
C ALA B 121 11.48 -23.99 10.09
N CYS B 122 10.88 -22.87 9.74
CA CYS B 122 10.53 -21.86 10.72
C CYS B 122 9.69 -22.46 11.80
N GLN B 123 8.84 -23.41 11.42
CA GLN B 123 7.99 -24.04 12.41
C GLN B 123 8.77 -24.87 13.42
N ARG B 124 9.80 -25.56 12.95
CA ARG B 124 10.61 -26.41 13.80
C ARG B 124 11.79 -25.70 14.45
N CYS B 125 11.95 -24.39 14.22
CA CYS B 125 13.06 -23.61 14.76
C CYS B 125 12.77 -22.90 16.09
N PRO B 126 13.46 -23.32 17.17
CA PRO B 126 13.28 -22.80 18.52
C PRO B 126 13.68 -21.35 18.77
N ALA B 127 14.49 -20.83 17.86
CA ALA B 127 14.97 -19.47 17.92
C ALA B 127 13.91 -18.54 17.38
N LYS B 128 14.04 -17.26 17.72
CA LYS B 128 13.12 -16.27 17.21
C LYS B 128 13.44 -16.12 15.74
N VAL B 129 12.45 -16.14 14.89
CA VAL B 129 12.74 -16.03 13.47
C VAL B 129 11.87 -14.96 12.89
N VAL B 130 12.48 -13.95 12.28
CA VAL B 130 11.78 -12.84 11.66
C VAL B 130 11.95 -12.80 10.16
N LEU B 131 10.85 -12.60 9.46
CA LEU B 131 10.99 -12.52 8.03
C LEU B 131 10.41 -11.23 7.57
N VAL B 132 11.13 -10.63 6.63
CA VAL B 132 10.84 -9.37 5.98
C VAL B 132 10.37 -9.60 4.57
N THR B 133 9.19 -9.09 4.29
CA THR B 133 8.64 -9.20 2.97
C THR B 133 8.10 -7.86 2.54
N ASN B 134 7.70 -7.74 1.28
CA ASN B 134 7.16 -6.49 0.78
C ASN B 134 5.73 -6.51 0.27
N GLU B 135 5.06 -5.38 0.42
CA GLU B 135 3.72 -5.19 -0.10
C GLU B 135 3.97 -4.60 -1.49
N VAL B 136 3.54 -5.31 -2.54
CA VAL B 136 3.77 -4.84 -3.91
C VAL B 136 2.53 -4.85 -4.79
N GLY B 137 1.34 -4.93 -4.16
CA GLY B 137 0.09 -4.97 -4.93
C GLY B 137 -0.98 -3.93 -4.58
N MET B 138 -0.53 -2.80 -4.04
CA MET B 138 -1.36 -1.69 -3.63
C MET B 138 -1.39 -0.67 -4.75
N GLY B 139 -0.89 -1.06 -5.92
CA GLY B 139 -0.87 -0.19 -7.08
C GLY B 139 -1.72 -0.73 -8.24
N ILE B 140 -1.54 -0.06 -9.39
CA ILE B 140 -2.23 -0.36 -10.63
C ILE B 140 -1.69 -1.58 -11.35
N VAL B 141 -2.58 -2.33 -12.00
CA VAL B 141 -2.20 -3.54 -12.73
C VAL B 141 -1.07 -3.34 -13.71
N PRO B 142 -0.04 -4.15 -13.60
CA PRO B 142 1.12 -4.05 -14.43
C PRO B 142 0.95 -4.55 -15.84
N GLU B 143 1.37 -3.65 -16.73
CA GLU B 143 1.37 -3.84 -18.15
C GLU B 143 2.27 -5.02 -18.47
N ASN B 144 3.51 -4.94 -17.97
CA ASN B 144 4.51 -6.00 -18.16
C ASN B 144 4.06 -7.36 -17.62
N ARG B 145 4.08 -8.34 -18.52
CA ARG B 145 3.67 -9.71 -18.22
C ARG B 145 4.16 -10.32 -16.93
N LEU B 146 5.46 -10.31 -16.78
CA LEU B 146 6.07 -10.90 -15.62
C LEU B 146 5.50 -10.32 -14.39
N ALA B 147 5.91 -9.05 -14.27
CA ALA B 147 5.61 -8.14 -13.21
C ALA B 147 4.23 -8.42 -12.71
N ARG B 148 3.34 -8.47 -13.67
CA ARG B 148 1.98 -8.77 -13.35
C ARG B 148 1.88 -10.10 -12.59
N HIS B 149 2.59 -11.11 -13.10
CA HIS B 149 2.63 -12.44 -12.50
C HIS B 149 3.45 -12.49 -11.22
N PHE B 150 4.53 -11.75 -11.24
CA PHE B 150 5.32 -11.78 -10.04
C PHE B 150 4.54 -11.23 -8.82
N ARG B 151 3.73 -10.20 -9.12
CA ARG B 151 2.86 -9.53 -8.16
C ARG B 151 1.85 -10.50 -7.56
N ASP B 152 1.31 -11.36 -8.44
CA ASP B 152 0.36 -12.36 -7.97
C ASP B 152 1.09 -13.28 -7.06
N ILE B 153 2.17 -13.82 -7.60
CA ILE B 153 2.95 -14.74 -6.84
C ILE B 153 3.37 -14.20 -5.49
N ALA B 154 3.97 -13.01 -5.47
CA ALA B 154 4.39 -12.42 -4.22
C ALA B 154 3.25 -12.41 -3.19
N GLY B 155 2.10 -11.92 -3.64
CA GLY B 155 0.95 -11.84 -2.77
C GLY B 155 0.56 -13.17 -2.12
N ARG B 156 0.62 -14.24 -2.93
CA ARG B 156 0.27 -15.58 -2.49
C ARG B 156 1.25 -16.10 -1.45
N VAL B 157 2.53 -15.85 -1.71
CA VAL B 157 3.58 -16.24 -0.78
C VAL B 157 3.34 -15.55 0.55
N ASN B 158 2.99 -14.27 0.43
CA ASN B 158 2.71 -13.43 1.57
C ASN B 158 1.62 -13.98 2.46
N GLN B 159 0.52 -14.34 1.81
CA GLN B 159 -0.61 -14.90 2.52
C GLN B 159 -0.23 -16.13 3.33
N ARG B 160 0.46 -17.02 2.66
CA ARG B 160 0.93 -18.25 3.25
C ARG B 160 1.79 -17.99 4.50
N LEU B 161 2.78 -17.15 4.25
CA LEU B 161 3.70 -16.79 5.29
C LEU B 161 3.00 -16.21 6.47
N ALA B 162 2.12 -15.29 6.16
CA ALA B 162 1.31 -14.61 7.16
C ALA B 162 0.49 -15.59 7.94
N ALA B 163 -0.11 -16.48 7.17
CA ALA B 163 -0.95 -17.50 7.74
C ALA B 163 -0.18 -18.28 8.75
N ALA B 164 0.94 -18.73 8.29
CA ALA B 164 1.79 -19.49 9.13
C ALA B 164 2.31 -18.72 10.34
N ALA B 165 2.68 -17.44 10.15
CA ALA B 165 3.23 -16.62 11.21
C ALA B 165 2.48 -16.61 12.51
N ASP B 166 3.24 -16.49 13.59
CA ASP B 166 2.69 -16.38 14.92
C ASP B 166 2.42 -14.88 15.07
N GLU B 167 3.10 -14.14 14.24
CA GLU B 167 2.93 -12.73 14.34
C GLU B 167 3.24 -12.02 13.05
N VAL B 168 2.37 -11.04 12.73
CA VAL B 168 2.43 -10.20 11.54
C VAL B 168 2.40 -8.70 11.90
N TRP B 169 3.19 -7.91 11.15
CA TRP B 169 3.26 -6.47 11.35
C TRP B 169 3.30 -5.79 10.04
N LEU B 170 2.48 -4.73 9.92
CA LEU B 170 2.48 -3.89 8.73
C LEU B 170 3.19 -2.62 9.18
N VAL B 171 4.17 -2.16 8.42
CA VAL B 171 4.94 -0.98 8.77
C VAL B 171 4.71 0.07 7.73
N VAL B 172 4.20 1.21 8.20
CA VAL B 172 3.90 2.32 7.30
C VAL B 172 4.62 3.57 7.72
N SER B 173 5.38 4.20 6.79
CA SER B 173 6.12 5.41 7.11
C SER B 173 6.93 5.18 8.39
N GLY B 174 7.50 3.99 8.49
CA GLY B 174 8.30 3.63 9.65
C GLY B 174 7.49 3.28 10.89
N ILE B 175 6.17 3.26 10.76
CA ILE B 175 5.36 2.93 11.91
C ILE B 175 4.84 1.53 11.84
N GLY B 176 5.31 0.70 12.78
CA GLY B 176 4.92 -0.70 12.87
C GLY B 176 3.49 -0.87 13.32
N VAL B 177 2.70 -1.70 12.59
CA VAL B 177 1.29 -2.02 12.87
C VAL B 177 1.07 -3.51 12.96
N LYS B 178 0.76 -3.91 14.16
CA LYS B 178 0.54 -5.27 14.41
C LYS B 178 -0.83 -5.63 14.01
N ILE B 179 -0.85 -6.41 12.96
CA ILE B 179 -2.11 -6.82 12.50
C ILE B 179 -2.44 -8.22 12.98
N LYS B 180 -1.49 -8.95 13.48
CA LYS B 180 -1.80 -10.28 13.98
C LYS B 180 -0.88 -10.61 15.12
N MET C 1 -24.00 -2.61 3.75
CA MET C 1 -23.17 -3.74 3.44
C MET C 1 -21.85 -3.73 4.16
N ILE C 2 -21.03 -4.61 3.65
CA ILE C 2 -19.71 -4.80 4.13
C ILE C 2 -18.76 -4.68 2.96
N LEU C 3 -17.78 -3.81 3.15
CA LEU C 3 -16.77 -3.52 2.14
C LEU C 3 -15.42 -4.10 2.53
N VAL C 4 -14.83 -4.85 1.59
CA VAL C 4 -13.54 -5.51 1.77
C VAL C 4 -12.55 -4.99 0.78
N THR C 5 -11.48 -4.42 1.26
CA THR C 5 -10.54 -3.91 0.31
C THR C 5 -9.16 -4.49 0.50
N GLY C 6 -8.34 -4.28 -0.48
CA GLY C 6 -7.01 -4.80 -0.34
C GLY C 6 -6.37 -4.87 -1.69
N GLY C 7 -5.05 -5.11 -1.65
CA GLY C 7 -4.24 -5.21 -2.83
C GLY C 7 -4.46 -6.53 -3.55
N ALA C 8 -3.93 -6.62 -4.79
CA ALA C 8 -4.02 -7.83 -5.61
C ALA C 8 -3.35 -8.98 -4.87
N ARG C 9 -3.99 -10.13 -4.92
CA ARG C 9 -3.47 -11.30 -4.24
C ARG C 9 -3.20 -11.03 -2.76
N SER C 10 -4.13 -10.24 -2.16
CA SER C 10 -4.11 -9.86 -0.74
C SER C 10 -4.85 -10.82 0.17
N GLY C 11 -5.70 -11.64 -0.45
CA GLY C 11 -6.53 -12.61 0.24
C GLY C 11 -7.85 -11.94 0.64
N LYS C 12 -8.27 -10.98 -0.15
CA LYS C 12 -9.50 -10.32 0.19
C LYS C 12 -10.71 -11.20 -0.13
N SER C 13 -10.58 -11.99 -1.19
CA SER C 13 -11.66 -12.89 -1.58
C SER C 13 -11.97 -13.86 -0.47
N ARG C 14 -10.93 -14.61 -0.11
CA ARG C 14 -11.02 -15.58 0.94
C ARG C 14 -11.61 -14.96 2.20
N HIS C 15 -11.24 -13.73 2.45
CA HIS C 15 -11.69 -13.02 3.63
C HIS C 15 -13.16 -12.63 3.55
N ALA C 16 -13.55 -12.28 2.33
CA ALA C 16 -14.91 -11.90 2.02
C ALA C 16 -15.75 -13.12 2.34
N GLU C 17 -15.41 -14.24 1.66
CA GLU C 17 -16.06 -15.53 1.82
C GLU C 17 -16.14 -15.92 3.30
N ALA C 18 -15.01 -15.77 3.98
CA ALA C 18 -14.98 -16.07 5.40
C ALA C 18 -16.00 -15.21 6.13
N LEU C 19 -16.32 -14.08 5.51
CA LEU C 19 -17.29 -13.19 6.09
C LEU C 19 -18.68 -13.72 5.86
N ILE C 20 -18.91 -14.34 4.66
CA ILE C 20 -20.15 -14.99 4.18
C ILE C 20 -20.53 -16.17 5.14
N GLY C 21 -19.50 -17.05 5.34
CA GLY C 21 -19.48 -18.27 6.17
C GLY C 21 -20.25 -19.37 5.45
N ASP C 22 -21.09 -20.20 6.11
CA ASP C 22 -21.96 -21.25 5.52
C ASP C 22 -22.90 -20.47 4.57
N ALA C 23 -23.94 -19.85 5.16
CA ALA C 23 -24.76 -18.91 4.60
C ALA C 23 -25.42 -19.66 3.68
N PRO C 24 -26.50 -19.96 4.26
CA PRO C 24 -27.47 -20.79 3.65
C PRO C 24 -27.51 -20.73 2.10
N GLN C 25 -27.93 -19.57 1.53
CA GLN C 25 -28.01 -19.23 0.09
C GLN C 25 -26.99 -18.10 -0.18
N VAL C 26 -26.25 -18.24 -1.26
CA VAL C 26 -25.26 -17.25 -1.60
C VAL C 26 -25.23 -16.91 -3.06
N LEU C 27 -25.39 -15.60 -3.34
CA LEU C 27 -25.34 -15.06 -4.70
C LEU C 27 -23.98 -14.43 -4.96
N TYR C 28 -23.28 -14.92 -5.99
CA TYR C 28 -21.97 -14.39 -6.30
C TYR C 28 -22.09 -13.52 -7.51
N ILE C 29 -21.75 -12.23 -7.34
CA ILE C 29 -21.79 -11.26 -8.43
C ILE C 29 -20.37 -11.04 -8.85
N ALA C 30 -20.08 -11.68 -9.97
CA ALA C 30 -18.80 -11.75 -10.64
C ALA C 30 -18.73 -10.82 -11.83
N THR C 31 -18.29 -9.59 -11.58
CA THR C 31 -18.21 -8.54 -12.58
C THR C 31 -17.26 -8.61 -13.75
N SER C 32 -16.18 -9.38 -13.68
CA SER C 32 -15.27 -9.37 -14.83
C SER C 32 -15.85 -9.80 -16.17
N GLN C 33 -15.37 -9.14 -17.19
CA GLN C 33 -15.75 -9.49 -18.53
C GLN C 33 -14.56 -10.35 -18.94
N ILE C 34 -14.88 -11.48 -19.56
CA ILE C 34 -13.86 -12.41 -20.00
C ILE C 34 -13.23 -11.97 -21.31
N LEU C 35 -12.10 -11.29 -21.20
CA LEU C 35 -11.38 -10.78 -22.36
C LEU C 35 -10.06 -11.54 -22.60
N HIS C 45 -11.10 -21.55 -12.81
CA HIS C 45 -10.49 -22.14 -11.63
C HIS C 45 -11.27 -21.80 -10.35
N HIS C 46 -11.80 -20.58 -10.37
CA HIS C 46 -12.60 -20.06 -9.29
C HIS C 46 -14.02 -20.63 -9.44
N LYS C 47 -14.51 -20.59 -10.67
CA LYS C 47 -15.84 -21.14 -10.93
C LYS C 47 -16.02 -22.58 -10.47
N ASP C 48 -14.86 -23.22 -10.27
CA ASP C 48 -14.74 -24.60 -9.83
C ASP C 48 -14.73 -24.79 -8.33
N GLY C 49 -14.01 -23.92 -7.61
CA GLY C 49 -13.92 -23.99 -6.17
C GLY C 49 -15.19 -23.48 -5.50
N ARG C 50 -15.99 -22.76 -6.29
CA ARG C 50 -17.24 -22.22 -5.82
C ARG C 50 -18.21 -23.34 -5.45
N PRO C 51 -18.77 -23.31 -4.23
CA PRO C 51 -19.71 -24.34 -3.84
C PRO C 51 -20.82 -24.44 -4.84
N ALA C 52 -21.28 -25.66 -5.03
CA ALA C 52 -22.35 -25.92 -5.96
C ALA C 52 -23.60 -25.13 -5.61
N HIS C 53 -23.79 -24.94 -4.29
CA HIS C 53 -24.95 -24.22 -3.76
C HIS C 53 -25.06 -22.76 -4.19
N TRP C 54 -23.92 -22.11 -4.24
CA TRP C 54 -23.86 -20.73 -4.64
C TRP C 54 -24.37 -20.49 -6.03
N ARG C 55 -25.05 -19.37 -6.22
CA ARG C 55 -25.49 -19.09 -7.56
C ARG C 55 -24.53 -18.11 -8.13
N THR C 56 -24.50 -18.00 -9.41
CA THR C 56 -23.57 -17.06 -9.96
C THR C 56 -24.31 -16.20 -10.95
N ALA C 57 -24.10 -14.88 -10.85
CA ALA C 57 -24.77 -13.95 -11.75
C ALA C 57 -23.83 -13.30 -12.76
N ARG C 61 -22.99 -6.02 -13.64
CA ARG C 61 -24.23 -5.54 -14.22
C ARG C 61 -25.55 -6.22 -13.84
N HIS C 62 -26.32 -5.10 -13.80
CA HIS C 62 -27.69 -4.73 -13.48
C HIS C 62 -28.07 -5.35 -12.18
N LEU C 63 -27.11 -5.00 -11.37
CA LEU C 63 -26.85 -5.28 -10.01
C LEU C 63 -27.94 -5.04 -8.99
N ASP C 64 -28.65 -3.91 -9.14
CA ASP C 64 -29.74 -3.48 -8.28
C ASP C 64 -30.91 -4.46 -8.42
N THR C 65 -30.85 -5.20 -9.53
CA THR C 65 -31.85 -6.20 -9.84
C THR C 65 -31.57 -7.43 -8.99
N LEU C 66 -30.33 -7.58 -8.56
CA LEU C 66 -29.96 -8.70 -7.73
C LEU C 66 -30.02 -8.39 -6.29
N ILE C 67 -29.67 -7.14 -6.00
CA ILE C 67 -29.68 -6.63 -4.65
C ILE C 67 -31.03 -6.05 -4.36
N THR C 68 -31.82 -6.96 -3.87
CA THR C 68 -33.19 -6.72 -3.61
C THR C 68 -33.60 -6.64 -2.14
N ALA C 69 -34.73 -5.98 -1.96
CA ALA C 69 -35.36 -5.72 -0.68
C ALA C 69 -36.08 -6.93 -0.12
N ASP C 70 -36.44 -7.79 -1.02
CA ASP C 70 -37.18 -8.95 -0.62
C ASP C 70 -36.37 -10.21 -0.38
N LEU C 71 -35.13 -10.03 0.06
CA LEU C 71 -34.30 -11.17 0.33
C LEU C 71 -34.31 -11.54 1.80
N ALA C 72 -33.62 -12.61 2.10
CA ALA C 72 -33.55 -13.04 3.46
C ALA C 72 -32.34 -12.51 4.17
N PRO C 73 -32.52 -12.36 5.45
CA PRO C 73 -31.48 -11.87 6.30
C PRO C 73 -30.35 -12.89 6.37
N ASP C 74 -30.69 -14.19 6.33
CA ASP C 74 -29.67 -15.23 6.36
C ASP C 74 -28.96 -15.41 5.01
N ASP C 75 -29.58 -14.85 3.95
CA ASP C 75 -29.07 -14.89 2.57
C ASP C 75 -27.81 -14.04 2.43
N ALA C 76 -26.98 -14.29 1.44
CA ALA C 76 -25.79 -13.46 1.33
C ALA C 76 -25.35 -13.18 -0.09
N ILE C 77 -24.92 -11.95 -0.35
CA ILE C 77 -24.42 -11.59 -1.67
C ILE C 77 -22.97 -11.16 -1.58
N LEU C 78 -22.21 -11.70 -2.53
CA LEU C 78 -20.79 -11.46 -2.71
C LEU C 78 -20.56 -10.93 -4.14
N LEU C 79 -20.09 -9.69 -4.22
CA LEU C 79 -19.83 -9.03 -5.51
C LEU C 79 -18.35 -8.96 -5.69
N GLU C 80 -17.89 -9.46 -6.81
CA GLU C 80 -16.49 -9.48 -7.08
C GLU C 80 -16.18 -9.13 -8.50
N CYS C 81 -15.54 -7.96 -8.72
CA CYS C 81 -15.10 -6.98 -7.71
C CYS C 81 -15.54 -5.57 -8.10
N ILE C 82 -15.41 -4.58 -7.22
CA ILE C 82 -15.83 -3.19 -7.53
C ILE C 82 -15.00 -2.46 -8.62
N THR C 83 -13.71 -2.73 -8.63
CA THR C 83 -12.74 -2.16 -9.54
C THR C 83 -13.12 -2.45 -10.99
N THR C 84 -13.27 -3.76 -11.23
CA THR C 84 -13.62 -4.39 -12.50
C THR C 84 -14.88 -3.77 -13.07
N MET C 85 -15.82 -3.68 -12.17
CA MET C 85 -17.11 -3.11 -12.41
C MET C 85 -16.86 -1.67 -12.83
N VAL C 86 -15.92 -1.03 -12.17
CA VAL C 86 -15.59 0.32 -12.54
C VAL C 86 -15.05 0.35 -13.98
N THR C 87 -14.15 -0.56 -14.25
CA THR C 87 -13.54 -0.62 -15.55
C THR C 87 -14.49 -0.82 -16.73
N ASN C 88 -15.38 -1.80 -16.57
CA ASN C 88 -16.37 -2.16 -17.56
C ASN C 88 -17.24 -0.98 -17.94
N LEU C 89 -17.61 -0.21 -16.92
CA LEU C 89 -18.42 1.00 -17.04
C LEU C 89 -17.74 2.12 -17.81
N LEU C 90 -16.45 2.37 -17.57
CA LEU C 90 -15.79 3.44 -18.29
C LEU C 90 -15.87 3.18 -19.79
N PHE C 91 -15.40 1.98 -20.14
CA PHE C 91 -15.39 1.51 -21.50
C PHE C 91 -16.77 1.65 -22.12
N ALA C 92 -17.77 1.17 -21.37
CA ALA C 92 -19.18 1.23 -21.74
C ALA C 92 -19.57 2.67 -21.98
N LEU C 93 -19.17 3.50 -21.01
CA LEU C 93 -19.39 4.94 -21.03
C LEU C 93 -18.62 5.55 -22.19
N GLY C 94 -17.48 4.93 -22.50
CA GLY C 94 -16.65 5.39 -23.60
C GLY C 94 -17.37 5.22 -24.93
N ASP C 98 -11.71 5.73 -28.07
CA ASP C 98 -10.43 5.69 -27.37
C ASP C 98 -10.42 6.60 -26.15
N PRO C 99 -9.76 6.16 -25.08
CA PRO C 99 -9.64 6.89 -23.82
C PRO C 99 -8.90 8.22 -23.81
N GLU C 100 -8.52 8.74 -24.98
CA GLU C 100 -7.79 10.00 -25.07
C GLU C 100 -8.73 11.16 -25.34
N GLN C 101 -9.89 10.79 -25.87
CA GLN C 101 -10.91 11.77 -26.18
C GLN C 101 -11.90 11.82 -25.02
N TRP C 102 -11.63 10.99 -24.02
CA TRP C 102 -12.45 10.85 -22.82
C TRP C 102 -12.61 12.07 -21.93
N ASP C 103 -13.83 12.34 -21.46
CA ASP C 103 -14.05 13.44 -20.54
C ASP C 103 -14.15 12.82 -19.17
N TYR C 104 -12.99 12.48 -18.63
CA TYR C 104 -12.89 11.85 -17.34
C TYR C 104 -13.81 12.39 -16.26
N ALA C 105 -14.12 13.67 -16.36
CA ALA C 105 -14.99 14.32 -15.39
C ALA C 105 -16.42 13.83 -15.37
N ALA C 106 -16.98 13.72 -16.58
CA ALA C 106 -18.36 13.33 -16.83
C ALA C 106 -18.58 11.89 -16.48
N MET C 107 -17.49 11.16 -16.76
CA MET C 107 -17.39 9.74 -16.53
C MET C 107 -17.50 9.44 -15.08
N GLU C 108 -16.75 10.22 -14.31
CA GLU C 108 -16.79 10.06 -12.89
C GLU C 108 -18.22 10.18 -12.40
N ARG C 109 -18.87 11.30 -12.73
CA ARG C 109 -20.25 11.56 -12.33
C ARG C 109 -21.20 10.40 -12.61
N ALA C 110 -21.19 9.94 -13.85
CA ALA C 110 -22.02 8.83 -14.26
C ALA C 110 -21.75 7.66 -13.34
N ILE C 111 -20.46 7.40 -13.18
CA ILE C 111 -20.02 6.32 -12.36
C ILE C 111 -20.61 6.45 -11.00
N ASP C 112 -20.66 7.71 -10.55
CA ASP C 112 -21.22 8.00 -9.24
C ASP C 112 -22.69 7.64 -9.12
N ASP C 113 -23.40 7.92 -10.22
CA ASP C 113 -24.81 7.63 -10.30
C ASP C 113 -25.03 6.19 -9.94
N GLU C 114 -24.31 5.36 -10.70
CA GLU C 114 -24.31 3.90 -10.62
C GLU C 114 -24.00 3.39 -9.22
N ILE C 115 -22.97 3.96 -8.64
CA ILE C 115 -22.55 3.56 -7.34
C ILE C 115 -23.60 3.91 -6.31
N GLN C 116 -24.26 5.04 -6.57
CA GLN C 116 -25.30 5.50 -5.67
C GLN C 116 -26.47 4.53 -5.67
N ILE C 117 -26.67 3.93 -6.85
CA ILE C 117 -27.71 2.94 -7.14
C ILE C 117 -27.42 1.63 -6.39
N LEU C 118 -26.15 1.25 -6.44
CA LEU C 118 -25.70 0.06 -5.77
C LEU C 118 -25.94 0.24 -4.29
N ILE C 119 -25.50 1.40 -3.84
CA ILE C 119 -25.63 1.74 -2.45
C ILE C 119 -27.09 1.63 -2.00
N ALA C 120 -27.96 2.27 -2.76
CA ALA C 120 -29.39 2.27 -2.51
C ALA C 120 -29.91 0.85 -2.30
N ALA C 121 -29.61 0.03 -3.30
CA ALA C 121 -29.97 -1.37 -3.35
C ALA C 121 -29.48 -2.06 -2.10
N CYS C 122 -28.18 -1.97 -1.88
CA CYS C 122 -27.56 -2.56 -0.71
C CYS C 122 -28.23 -2.06 0.56
N GLN C 123 -28.59 -0.80 0.53
CA GLN C 123 -29.21 -0.14 1.66
C GLN C 123 -30.43 -0.88 2.12
N ARG C 124 -31.30 -1.14 1.15
CA ARG C 124 -32.58 -1.78 1.35
C ARG C 124 -32.57 -3.29 1.32
N CYS C 125 -31.40 -3.89 1.15
CA CYS C 125 -31.32 -5.34 1.08
C CYS C 125 -31.09 -6.05 2.42
N PRO C 126 -32.09 -6.87 2.82
CA PRO C 126 -32.09 -7.62 4.07
C PRO C 126 -31.06 -8.71 4.16
N ALA C 127 -30.43 -8.99 3.04
CA ALA C 127 -29.42 -10.01 3.04
C ALA C 127 -28.08 -9.41 3.37
N LYS C 128 -27.17 -10.27 3.72
CA LYS C 128 -25.86 -9.81 3.99
C LYS C 128 -25.20 -9.51 2.65
N VAL C 129 -24.69 -8.28 2.52
CA VAL C 129 -24.03 -7.86 1.30
C VAL C 129 -22.56 -7.56 1.58
N VAL C 130 -21.68 -8.19 0.81
CA VAL C 130 -20.24 -8.07 0.91
C VAL C 130 -19.65 -7.69 -0.43
N LEU C 131 -19.13 -6.46 -0.51
CA LEU C 131 -18.55 -5.90 -1.74
C LEU C 131 -17.00 -5.98 -1.76
N VAL C 132 -16.37 -6.50 -2.81
CA VAL C 132 -14.89 -6.57 -2.84
C VAL C 132 -14.27 -5.61 -3.81
N THR C 133 -13.31 -4.88 -3.28
CA THR C 133 -12.64 -3.92 -4.10
C THR C 133 -11.18 -4.02 -3.83
N ASN C 134 -10.42 -3.25 -4.58
CA ASN C 134 -8.97 -3.19 -4.47
C ASN C 134 -8.38 -1.81 -4.17
N GLU C 135 -7.19 -1.80 -3.52
CA GLU C 135 -6.43 -0.58 -3.23
C GLU C 135 -5.49 -0.48 -4.42
N VAL C 136 -5.59 0.56 -5.24
CA VAL C 136 -4.75 0.66 -6.43
C VAL C 136 -3.90 1.92 -6.48
N GLY C 137 -3.71 2.61 -5.37
CA GLY C 137 -2.91 3.82 -5.48
C GLY C 137 -1.89 4.10 -4.40
N MET C 138 -1.28 3.02 -3.93
CA MET C 138 -0.25 3.04 -2.93
C MET C 138 1.09 2.94 -3.67
N GLY C 139 0.96 3.00 -4.99
CA GLY C 139 2.07 2.97 -5.90
C GLY C 139 2.40 4.37 -6.39
N ILE C 140 3.23 4.42 -7.41
CA ILE C 140 3.71 5.63 -8.03
C ILE C 140 2.77 6.12 -9.11
N VAL C 141 2.78 7.43 -9.37
CA VAL C 141 1.93 7.99 -10.41
C VAL C 141 2.20 7.36 -11.76
N PRO C 142 1.21 6.68 -12.33
CA PRO C 142 1.44 6.07 -13.62
C PRO C 142 1.55 7.12 -14.74
N GLU C 143 2.27 6.76 -15.81
CA GLU C 143 2.43 7.68 -16.92
C GLU C 143 1.16 7.72 -17.76
N ASN C 144 0.56 6.54 -17.95
CA ASN C 144 -0.66 6.31 -18.73
C ASN C 144 -1.88 7.02 -18.12
N ARG C 145 -2.42 7.96 -18.90
CA ARG C 145 -3.56 8.76 -18.50
C ARG C 145 -4.77 8.02 -18.02
N LEU C 146 -5.25 7.05 -18.79
CA LEU C 146 -6.42 6.31 -18.37
C LEU C 146 -6.13 5.69 -17.02
N ALA C 147 -4.92 5.16 -16.96
CA ALA C 147 -4.37 4.53 -15.80
C ALA C 147 -4.41 5.47 -14.64
N ARG C 148 -4.00 6.69 -14.92
CA ARG C 148 -3.98 7.70 -13.90
C ARG C 148 -5.39 8.10 -13.55
N HIS C 149 -6.21 8.20 -14.59
CA HIS C 149 -7.58 8.61 -14.42
C HIS C 149 -8.26 7.61 -13.56
N PHE C 150 -8.06 6.41 -14.05
CA PHE C 150 -8.59 5.23 -13.47
C PHE C 150 -8.35 5.16 -11.98
N ARG C 151 -7.08 5.22 -11.62
CA ARG C 151 -6.77 5.15 -10.22
C ARG C 151 -7.47 6.17 -9.33
N ASP C 152 -7.65 7.37 -9.86
CA ASP C 152 -8.34 8.43 -9.14
C ASP C 152 -9.80 8.08 -8.85
N ILE C 153 -10.51 7.76 -9.93
CA ILE C 153 -11.91 7.38 -9.91
C ILE C 153 -12.17 6.19 -8.93
N ALA C 154 -11.34 5.16 -9.04
CA ALA C 154 -11.47 4.00 -8.19
C ALA C 154 -11.39 4.34 -6.70
N GLY C 155 -10.48 5.26 -6.39
CA GLY C 155 -10.26 5.71 -5.01
C GLY C 155 -11.48 6.48 -4.47
N ARG C 156 -12.02 7.32 -5.37
CA ARG C 156 -13.20 8.14 -5.10
C ARG C 156 -14.39 7.19 -4.93
N VAL C 157 -14.48 6.13 -5.75
CA VAL C 157 -15.55 5.13 -5.63
C VAL C 157 -15.47 4.40 -4.29
N ASN C 158 -14.25 4.09 -3.87
CA ASN C 158 -14.07 3.39 -2.63
C ASN C 158 -14.48 4.21 -1.41
N GLN C 159 -14.17 5.49 -1.47
CA GLN C 159 -14.53 6.37 -0.39
C GLN C 159 -16.06 6.34 -0.24
N ARG C 160 -16.74 6.45 -1.37
CA ARG C 160 -18.20 6.43 -1.41
C ARG C 160 -18.73 5.17 -0.74
N LEU C 161 -18.22 4.04 -1.21
CA LEU C 161 -18.63 2.78 -0.63
C LEU C 161 -18.39 2.71 0.86
N ALA C 162 -17.16 3.06 1.25
CA ALA C 162 -16.73 3.02 2.64
C ALA C 162 -17.64 3.76 3.59
N ALA C 163 -18.02 4.95 3.10
CA ALA C 163 -18.91 5.88 3.80
C ALA C 163 -20.24 5.22 3.91
N ALA C 164 -20.63 4.64 2.79
CA ALA C 164 -21.86 3.89 2.73
C ALA C 164 -21.77 2.63 3.59
N ALA C 165 -20.65 1.90 3.53
CA ALA C 165 -20.47 0.67 4.31
C ALA C 165 -20.81 0.78 5.79
N ASP C 166 -21.03 -0.39 6.43
CA ASP C 166 -21.34 -0.58 7.86
C ASP C 166 -20.05 -1.03 8.58
N GLU C 167 -19.34 -1.82 7.79
CA GLU C 167 -18.07 -2.40 8.15
C GLU C 167 -17.10 -2.34 6.99
N VAL C 168 -15.84 -2.02 7.32
CA VAL C 168 -14.79 -1.93 6.34
C VAL C 168 -13.56 -2.57 6.88
N TRP C 169 -13.04 -3.42 6.02
CA TRP C 169 -11.86 -4.18 6.26
C TRP C 169 -10.86 -3.90 5.20
N LEU C 170 -9.68 -3.97 5.65
CA LEU C 170 -8.59 -3.83 4.77
C LEU C 170 -7.86 -5.16 4.94
N VAL C 171 -7.55 -5.82 3.85
CA VAL C 171 -6.88 -7.07 4.00
C VAL C 171 -5.43 -6.92 3.58
N VAL C 172 -4.55 -7.43 4.42
CA VAL C 172 -3.15 -7.39 4.09
C VAL C 172 -2.47 -8.70 4.38
N SER C 173 -1.86 -9.25 3.33
CA SER C 173 -1.18 -10.53 3.43
C SER C 173 -2.13 -11.54 4.01
N GLY C 174 -3.39 -11.47 3.59
CA GLY C 174 -4.42 -12.36 4.08
C GLY C 174 -4.94 -11.97 5.47
N ILE C 175 -4.41 -10.89 6.09
CA ILE C 175 -4.87 -10.44 7.41
C ILE C 175 -5.88 -9.32 7.36
N GLY C 176 -7.12 -9.65 7.72
CA GLY C 176 -8.23 -8.74 7.73
C GLY C 176 -8.11 -7.71 8.85
N VAL C 177 -8.10 -6.44 8.46
CA VAL C 177 -8.03 -5.37 9.42
C VAL C 177 -9.28 -4.51 9.34
N LYS C 178 -10.14 -4.66 10.36
CA LYS C 178 -11.39 -3.92 10.46
C LYS C 178 -11.14 -2.44 10.67
N ILE C 179 -11.27 -1.60 9.65
CA ILE C 179 -11.03 -0.19 9.90
C ILE C 179 -12.30 0.56 10.29
N LYS C 180 -13.41 -0.07 10.10
CA LYS C 180 -14.65 0.57 10.44
C LYS C 180 -15.70 -0.49 10.60
P PO4 D . -6.86 12.26 -1.34
O1 PO4 D . -6.92 12.67 -2.79
O2 PO4 D . -8.21 11.80 -0.91
O3 PO4 D . -5.78 11.09 -1.13
O4 PO4 D . -6.44 13.53 -0.46
P 5GP E . -5.90 17.94 -6.45
O1P 5GP E . -6.52 16.95 -5.53
O2P 5GP E . -6.55 19.28 -6.27
O3P 5GP E . -6.10 18.00 -7.93
O5' 5GP E . -4.43 18.03 -6.16
C5' 5GP E . -3.88 18.10 -4.82
C4' 5GP E . -2.79 19.15 -4.80
O4' 5GP E . -3.41 20.42 -5.03
C3' 5GP E . -1.98 19.33 -3.52
O3' 5GP E . -0.78 18.54 -3.58
C2' 5GP E . -1.71 20.86 -3.51
O2' 5GP E . -0.34 21.21 -3.64
C1' 5GP E . -2.44 21.38 -4.74
N9 5GP E . -3.09 22.65 -4.55
C8 5GP E . -4.24 23.07 -3.93
N7 5GP E . -4.41 24.36 -4.02
C5 5GP E . -3.33 24.83 -4.73
C6 5GP E . -2.98 26.15 -5.11
O6 5GP E . -3.61 27.19 -4.89
N1 5GP E . -1.79 26.20 -5.83
C2 5GP E . -1.01 25.10 -6.13
N2 5GP E . 0.11 25.33 -6.83
N3 5GP E . -1.32 23.85 -5.78
C4 5GP E . -2.50 23.78 -5.09
P PO4 F . 12.94 -0.61 4.20
O1 PO4 F . 13.21 -0.02 5.56
O2 PO4 F . 13.61 -1.96 4.10
O3 PO4 F . 11.35 -0.72 4.03
O4 PO4 F . 13.53 0.32 3.02
P 5GP G . 18.37 -2.25 2.16
O1P 5GP G . 17.78 -0.98 1.66
O2P 5GP G . 17.83 -2.48 3.54
O3P 5GP G . 19.15 -1.34 1.29
O5' 5GP G . 17.88 -3.37 1.33
C5' 5GP G . 17.50 -4.52 2.04
C4' 5GP G . 18.13 -5.72 1.38
O4' 5GP G . 19.57 -5.72 1.38
C3' 5GP G . 17.62 -7.06 1.83
O3' 5GP G . 16.70 -7.47 0.82
C2' 5GP G . 18.87 -7.92 1.81
O2' 5GP G . 18.69 -9.12 1.08
C1' 5GP G . 19.98 -7.04 1.20
N9 5GP G . 21.16 -7.17 2.00
C8 5GP G . 21.43 -6.67 3.24
N7 5GP G . 22.58 -7.05 3.72
C5 5GP G . 23.09 -7.90 2.73
C6 5GP G . 24.32 -8.63 2.67
O6 5GP G . 25.22 -8.69 3.52
N1 5GP G . 24.42 -9.35 1.48
C2 5GP G . 23.46 -9.36 0.50
N2 5GP G . 23.71 -10.10 -0.59
N3 5GP G . 22.32 -8.68 0.54
C4 5GP G . 22.21 -7.98 1.68
MG MG H . -11.02 -11.51 -5.40
P1 POP I . -7.38 -11.52 -3.55
O1 POP I . -8.86 -11.65 -3.48
O2 POP I . -6.69 -10.23 -3.25
O3 POP I . -6.82 -12.55 -2.64
O POP I . -6.79 -11.82 -5.03
P2 POP I . -7.50 -11.16 -6.35
O4 POP I . -8.89 -11.67 -6.27
O5 POP I . -6.71 -11.67 -7.51
O6 POP I . -6.59 -10.04 -6.73
O5' 5GP J . -10.16 -13.66 -10.26
C5' 5GP J . -11.12 -12.78 -9.66
C4' 5GP J . -11.98 -12.08 -10.71
O4' 5GP J . -12.62 -13.06 -11.55
C3' 5GP J . -13.07 -11.13 -10.19
O3' 5GP J . -12.92 -9.81 -10.72
C2' 5GP J . -14.41 -11.76 -10.61
O2' 5GP J . -15.32 -10.89 -11.26
C1' 5GP J . -14.03 -12.94 -11.52
N9 5GP J . -14.57 -14.14 -10.93
C8 5GP J . -14.82 -15.08 -9.98
N7 5GP J . -15.75 -15.92 -10.33
C5 5GP J . -16.15 -15.49 -11.58
C6 5GP J . -17.12 -16.01 -12.44
O6 5GP J . -17.83 -17.01 -12.26
N1 5GP J . -17.21 -15.27 -13.61
C2 5GP J . -16.44 -14.16 -13.91
N2 5GP J . -16.69 -13.58 -15.09
N3 5GP J . -15.52 -13.66 -13.12
C4 5GP J . -15.44 -14.38 -11.97
#